data_2GLN
#
_entry.id   2GLN
#
_cell.length_a   45.777
_cell.length_b   60.443
_cell.length_c   87.886
_cell.angle_alpha   90.00
_cell.angle_beta   90.00
_cell.angle_gamma   90.00
#
_symmetry.space_group_name_H-M   'P 21 21 21'
#
loop_
_entity.id
_entity.type
_entity.pdbx_description
1 polymer 'Hemoglobin-like protein HbN'
2 non-polymer 'SODIUM ION'
3 non-polymer 'PHOSPHATE ION'
4 non-polymer 'CYANIDE ION'
5 non-polymer 'PROTOPORPHYRIN IX CONTAINING FE'
6 water water
#
_entity_poly.entity_id   1
_entity_poly.type   'polypeptide(L)'
_entity_poly.pdbx_seq_one_letter_code
;MGLLSRLRKREPISIYDKIGGHEAIEVVVEDFYVRVLADDQLSAFFSGTNMSRLKGKAVEFFAAALGGPEPYTGAPMKQV
HQGRGITMHHFSLVAGHLADALTAAGVPSETITEILGVIAPLAVDVTSGESTTAPV
;
_entity_poly.pdbx_strand_id   A,B
#
loop_
_chem_comp.id
_chem_comp.type
_chem_comp.name
_chem_comp.formula
CYN non-polymer 'CYANIDE ION' 'C N -1'
HEM non-polymer 'PROTOPORPHYRIN IX CONTAINING FE' 'C34 H32 Fe N4 O4'
NA non-polymer 'SODIUM ION' 'Na 1'
PO4 non-polymer 'PHOSPHATE ION' 'O4 P -3'
#
# COMPACT_ATOMS: atom_id res chain seq x y z
N GLY A 2 -5.47 -31.01 1.94
CA GLY A 2 -5.06 -29.66 1.47
C GLY A 2 -5.47 -29.49 0.01
N LEU A 3 -4.86 -28.50 -0.65
CA LEU A 3 -5.08 -28.25 -2.08
C LEU A 3 -4.87 -29.50 -2.93
N LEU A 4 -3.81 -30.26 -2.64
CA LEU A 4 -3.51 -31.44 -3.41
C LEU A 4 -4.63 -32.45 -3.39
N SER A 5 -5.17 -32.72 -2.20
CA SER A 5 -6.27 -33.65 -2.05
C SER A 5 -7.50 -33.09 -2.75
N ARG A 6 -7.67 -31.78 -2.68
CA ARG A 6 -8.82 -31.12 -3.28
C ARG A 6 -8.76 -31.17 -4.80
N LEU A 7 -7.56 -30.96 -5.35
CA LEU A 7 -7.34 -31.12 -6.79
C LEU A 7 -7.60 -32.55 -7.27
N ARG A 8 -7.17 -33.54 -6.51
CA ARG A 8 -7.45 -34.94 -6.88
C ARG A 8 -8.95 -35.24 -6.95
N LYS A 9 -9.75 -34.47 -6.21
CA LYS A 9 -11.21 -34.61 -6.22
C LYS A 9 -11.87 -33.71 -7.27
N ARG A 10 -11.04 -33.10 -8.12
CA ARG A 10 -11.49 -32.12 -9.14
C ARG A 10 -12.26 -30.92 -8.55
N GLU A 11 -11.99 -30.60 -7.27
CA GLU A 11 -12.54 -29.40 -6.62
C GLU A 11 -11.81 -28.15 -7.18
N PRO A 12 -12.55 -27.04 -7.38
CA PRO A 12 -11.89 -25.89 -8.03
C PRO A 12 -10.97 -25.13 -7.08
N ILE A 13 -10.00 -24.42 -7.64
CA ILE A 13 -9.07 -23.59 -6.87
C ILE A 13 -9.81 -22.35 -6.38
N SER A 14 -9.83 -22.14 -5.06
CA SER A 14 -10.50 -20.99 -4.49
C SER A 14 -9.55 -19.79 -4.47
N ILE A 15 -10.13 -18.61 -4.23
CA ILE A 15 -9.33 -17.40 -4.00
C ILE A 15 -8.33 -17.64 -2.87
N TYR A 16 -8.81 -18.20 -1.76
CA TYR A 16 -7.98 -18.65 -0.62
C TYR A 16 -6.72 -19.41 -1.09
N ASP A 17 -6.92 -20.44 -1.93
CA ASP A 17 -5.81 -21.22 -2.52
C ASP A 17 -4.88 -20.36 -3.38
N LYS A 18 -5.48 -19.58 -4.28
CA LYS A 18 -4.76 -18.66 -5.17
C LYS A 18 -3.78 -17.72 -4.45
N ILE A 19 -4.20 -17.15 -3.33
CA ILE A 19 -3.38 -16.15 -2.64
C ILE A 19 -2.44 -16.75 -1.59
N GLY A 20 -2.52 -18.07 -1.38
CA GLY A 20 -1.56 -18.76 -0.54
C GLY A 20 -2.09 -19.33 0.77
N GLY A 21 -3.41 -19.47 0.88
CA GLY A 21 -4.03 -20.09 2.05
C GLY A 21 -3.90 -19.37 3.37
N HIS A 22 -4.04 -20.14 4.46
CA HIS A 22 -4.06 -19.60 5.83
C HIS A 22 -2.89 -18.69 6.18
N GLU A 23 -1.66 -19.11 5.87
CA GLU A 23 -0.49 -18.29 6.16
C GLU A 23 -0.55 -16.93 5.48
N ALA A 24 -1.06 -16.89 4.25
CA ALA A 24 -1.23 -15.64 3.51
C ALA A 24 -2.34 -14.76 4.10
N ILE A 25 -3.43 -15.39 4.54
CA ILE A 25 -4.50 -14.65 5.21
C ILE A 25 -4.00 -13.97 6.50
N GLU A 26 -3.25 -14.71 7.31
CA GLU A 26 -2.67 -14.15 8.55
C GLU A 26 -1.81 -12.92 8.28
N VAL A 27 -0.97 -12.98 7.26
CA VAL A 27 -0.07 -11.85 6.94
C VAL A 27 -0.87 -10.65 6.50
N VAL A 28 -1.88 -10.90 5.67
CA VAL A 28 -2.72 -9.85 5.09
C VAL A 28 -3.60 -9.19 6.16
N VAL A 29 -4.20 -10.00 7.03
CA VAL A 29 -5.04 -9.49 8.12
C VAL A 29 -4.22 -8.65 9.11
N GLU A 30 -3.03 -9.16 9.46
CA GLU A 30 -2.15 -8.46 10.36
C GLU A 30 -1.82 -7.07 9.82
N ASP A 31 -1.43 -7.01 8.55
CA ASP A 31 -1.08 -5.74 7.92
C ASP A 31 -2.30 -4.82 7.79
N PHE A 32 -3.44 -5.43 7.48
CA PHE A 32 -4.75 -4.76 7.38
C PHE A 32 -5.05 -3.94 8.64
N TYR A 33 -4.94 -4.57 9.81
CA TYR A 33 -5.22 -3.87 11.08
C TYR A 33 -4.19 -2.84 11.50
N VAL A 34 -2.93 -3.06 11.16
CA VAL A 34 -1.91 -2.00 11.29
C VAL A 34 -2.41 -0.73 10.56
N ARG A 35 -2.77 -0.88 9.29
CA ARG A 35 -3.27 0.23 8.44
C ARG A 35 -4.54 0.90 8.99
N VAL A 36 -5.52 0.09 9.36
CA VAL A 36 -6.78 0.59 9.88
C VAL A 36 -6.58 1.39 11.19
N LEU A 37 -5.86 0.80 12.15
CA LEU A 37 -5.61 1.48 13.43
C LEU A 37 -4.70 2.71 13.31
N ALA A 38 -3.90 2.78 12.24
CA ALA A 38 -3.07 3.95 11.96
C ALA A 38 -3.82 5.09 11.27
N ASP A 39 -5.04 4.82 10.83
CA ASP A 39 -5.87 5.77 10.09
C ASP A 39 -6.72 6.53 11.12
N ASP A 40 -6.46 7.83 11.25
CA ASP A 40 -7.12 8.65 12.28
C ASP A 40 -8.62 8.86 12.03
N GLN A 41 -9.09 8.51 10.84
CA GLN A 41 -10.52 8.43 10.55
C GLN A 41 -11.17 7.14 11.05
N LEU A 42 -10.37 6.10 11.30
CA LEU A 42 -10.91 4.77 11.64
C LEU A 42 -10.61 4.25 13.04
N SER A 43 -9.47 4.63 13.60
CA SER A 43 -8.97 3.99 14.83
C SER A 43 -9.92 4.04 16.04
N ALA A 44 -10.63 5.16 16.22
CA ALA A 44 -11.57 5.29 17.35
C ALA A 44 -12.70 4.26 17.36
N PHE A 45 -13.12 3.75 16.19
CA PHE A 45 -14.16 2.70 16.15
C PHE A 45 -13.72 1.47 16.95
N PHE A 46 -12.40 1.30 17.09
CA PHE A 46 -11.81 0.12 17.71
C PHE A 46 -11.31 0.37 19.14
N SER A 47 -11.60 1.55 19.67
CA SER A 47 -11.21 1.95 21.02
C SER A 47 -11.66 0.94 22.09
N GLY A 48 -12.90 0.46 22.03
CA GLY A 48 -13.38 -0.54 22.99
C GLY A 48 -13.10 -1.99 22.60
N THR A 49 -12.35 -2.21 21.53
CA THR A 49 -12.23 -3.54 20.92
C THR A 49 -11.02 -4.33 21.40
N ASN A 50 -11.24 -5.61 21.74
CA ASN A 50 -10.13 -6.53 21.94
C ASN A 50 -9.57 -6.88 20.58
N MET A 51 -8.49 -6.19 20.23
CA MET A 51 -7.85 -6.35 18.92
C MET A 51 -7.28 -7.74 18.70
N SER A 52 -6.76 -8.39 19.74
CA SER A 52 -6.21 -9.75 19.55
C SER A 52 -7.29 -10.72 19.12
N ARG A 53 -8.43 -10.67 19.82
CA ARG A 53 -9.58 -11.47 19.47
C ARG A 53 -10.11 -11.14 18.06
N LEU A 54 -10.25 -9.85 17.76
CA LEU A 54 -10.73 -9.42 16.45
C LEU A 54 -9.89 -10.03 15.32
N LYS A 55 -8.57 -9.89 15.41
CA LYS A 55 -7.71 -10.34 14.32
C LYS A 55 -7.87 -11.84 14.09
N GLY A 56 -7.96 -12.61 15.18
CA GLY A 56 -8.26 -14.03 15.07
C GLY A 56 -9.55 -14.27 14.30
N LYS A 57 -10.63 -13.58 14.68
CA LYS A 57 -11.93 -13.74 14.00
C LYS A 57 -11.90 -13.29 12.53
N ALA A 58 -11.15 -12.22 12.25
CA ALA A 58 -11.03 -11.72 10.89
C ALA A 58 -10.25 -12.70 9.99
N VAL A 59 -9.20 -13.32 10.54
CA VAL A 59 -8.48 -14.37 9.82
C VAL A 59 -9.50 -15.44 9.41
N GLU A 60 -10.28 -15.91 10.39
CA GLU A 60 -11.28 -16.94 10.14
C GLU A 60 -12.30 -16.45 9.14
N PHE A 61 -12.78 -15.21 9.32
CA PHE A 61 -13.77 -14.67 8.37
C PHE A 61 -13.28 -14.68 6.94
N PHE A 62 -12.14 -14.03 6.70
CA PHE A 62 -11.60 -13.97 5.34
C PHE A 62 -11.26 -15.33 4.76
N ALA A 63 -10.70 -16.26 5.55
CA ALA A 63 -10.42 -17.60 5.05
C ALA A 63 -11.69 -18.26 4.53
N ALA A 64 -12.75 -18.27 5.36
CA ALA A 64 -14.02 -18.91 5.02
C ALA A 64 -14.67 -18.22 3.82
N ALA A 65 -14.63 -16.88 3.80
CA ALA A 65 -15.28 -16.07 2.78
C ALA A 65 -14.64 -16.28 1.41
N LEU A 66 -13.35 -16.61 1.41
CA LEU A 66 -12.61 -16.79 0.17
C LEU A 66 -12.43 -18.26 -0.23
N GLY A 67 -13.17 -19.15 0.42
CA GLY A 67 -13.26 -20.54 0.01
C GLY A 67 -12.35 -21.53 0.72
N GLY A 68 -11.72 -21.10 1.82
CA GLY A 68 -10.88 -21.98 2.62
C GLY A 68 -11.70 -23.02 3.38
N PRO A 69 -11.05 -24.10 3.84
CA PRO A 69 -11.76 -25.17 4.57
C PRO A 69 -12.03 -24.89 6.05
N GLU A 70 -11.55 -23.78 6.59
CA GLU A 70 -11.71 -23.52 8.01
C GLU A 70 -12.89 -22.61 8.35
N PRO A 71 -13.57 -22.89 9.48
CA PRO A 71 -14.82 -22.20 9.79
C PRO A 71 -14.59 -20.78 10.32
N TYR A 72 -15.54 -19.90 10.03
CA TYR A 72 -15.64 -18.62 10.72
C TYR A 72 -16.40 -18.87 12.01
N THR A 73 -15.84 -18.45 13.15
CA THR A 73 -16.47 -18.74 14.44
C THR A 73 -16.91 -17.49 15.22
N GLY A 74 -17.01 -16.36 14.53
CA GLY A 74 -17.47 -15.12 15.14
C GLY A 74 -18.96 -14.89 14.93
N ALA A 75 -19.38 -13.67 15.25
CA ALA A 75 -20.78 -13.27 15.20
C ALA A 75 -21.13 -12.76 13.80
N PRO A 76 -22.45 -12.76 13.44
CA PRO A 76 -22.91 -12.26 12.14
C PRO A 76 -22.51 -10.81 11.89
N MET A 77 -22.15 -10.50 10.63
CA MET A 77 -21.66 -9.17 10.23
C MET A 77 -22.65 -8.06 10.58
N LYS A 78 -23.93 -8.32 10.33
CA LYS A 78 -24.95 -7.30 10.54
C LYS A 78 -25.05 -6.95 12.00
N GLN A 79 -25.16 -7.98 12.84
CA GLN A 79 -25.33 -7.80 14.28
C GLN A 79 -24.16 -7.06 14.92
N VAL A 80 -22.94 -7.44 14.50
CA VAL A 80 -21.70 -6.83 14.99
C VAL A 80 -21.62 -5.34 14.66
N HIS A 81 -21.91 -5.00 13.41
CA HIS A 81 -21.61 -3.66 12.88
C HIS A 81 -22.74 -2.66 13.01
N GLN A 82 -23.98 -3.16 13.11
CA GLN A 82 -25.13 -2.26 13.12
C GLN A 82 -25.08 -1.42 14.38
N GLY A 83 -25.47 -0.16 14.26
CA GLY A 83 -25.50 0.73 15.42
C GLY A 83 -24.19 1.46 15.68
N ARG A 84 -23.11 1.08 14.98
CA ARG A 84 -21.76 1.64 15.24
C ARG A 84 -21.48 2.93 14.51
N GLY A 85 -22.46 3.48 13.81
CA GLY A 85 -22.24 4.74 13.08
C GLY A 85 -21.20 4.66 11.98
N ILE A 86 -21.10 3.48 11.35
CA ILE A 86 -20.16 3.24 10.25
C ILE A 86 -20.84 3.64 8.95
N THR A 87 -20.22 4.55 8.20
CA THR A 87 -20.81 4.99 6.95
C THR A 87 -20.13 4.33 5.77
N MET A 88 -20.70 4.55 4.60
CA MET A 88 -20.12 4.10 3.37
C MET A 88 -18.74 4.72 3.20
N HIS A 89 -18.56 5.95 3.69
CA HIS A 89 -17.22 6.57 3.63
C HIS A 89 -16.22 5.71 4.41
N HIS A 90 -16.59 5.30 5.63
CA HIS A 90 -15.69 4.48 6.45
C HIS A 90 -15.46 3.09 5.84
N PHE A 91 -16.53 2.48 5.33
CA PHE A 91 -16.42 1.19 4.67
C PHE A 91 -15.40 1.26 3.53
N SER A 92 -15.45 2.32 2.75
CA SER A 92 -14.58 2.47 1.59
C SER A 92 -13.12 2.61 2.00
N LEU A 93 -12.88 3.34 3.10
CA LEU A 93 -11.53 3.48 3.64
C LEU A 93 -11.01 2.12 4.08
N VAL A 94 -11.86 1.37 4.79
CA VAL A 94 -11.51 0.02 5.25
C VAL A 94 -11.22 -0.92 4.06
N ALA A 95 -12.10 -0.90 3.07
CA ALA A 95 -11.87 -1.67 1.83
C ALA A 95 -10.56 -1.26 1.17
N GLY A 96 -10.27 0.04 1.16
CA GLY A 96 -9.00 0.55 0.64
C GLY A 96 -7.80 -0.02 1.39
N HIS A 97 -7.88 -0.10 2.72
CA HIS A 97 -6.77 -0.66 3.51
C HIS A 97 -6.58 -2.14 3.23
N LEU A 98 -7.70 -2.86 3.07
CA LEU A 98 -7.67 -4.28 2.71
C LEU A 98 -6.96 -4.51 1.37
N ALA A 99 -7.30 -3.71 0.37
CA ALA A 99 -6.60 -3.72 -0.93
C ALA A 99 -5.10 -3.41 -0.82
N ASP A 100 -4.76 -2.43 0.02
CA ASP A 100 -3.36 -2.08 0.24
C ASP A 100 -2.60 -3.22 0.90
N ALA A 101 -3.24 -3.90 1.87
CA ALA A 101 -2.66 -5.05 2.53
C ALA A 101 -2.41 -6.17 1.53
N LEU A 102 -3.38 -6.40 0.63
CA LEU A 102 -3.25 -7.44 -0.39
C LEU A 102 -2.13 -7.10 -1.37
N THR A 103 -2.06 -5.83 -1.76
CA THR A 103 -1.04 -5.30 -2.66
C THR A 103 0.35 -5.48 -2.02
N ALA A 104 0.44 -5.10 -0.75
CA ALA A 104 1.66 -5.22 0.04
C ALA A 104 2.13 -6.67 0.13
N ALA A 105 1.17 -7.60 0.14
CA ALA A 105 1.43 -9.03 0.20
C ALA A 105 1.82 -9.67 -1.17
N GLY A 106 1.75 -8.89 -2.25
CA GLY A 106 2.09 -9.38 -3.57
C GLY A 106 0.96 -10.08 -4.33
N VAL A 107 -0.28 -9.87 -3.91
CA VAL A 107 -1.44 -10.44 -4.59
C VAL A 107 -1.70 -9.66 -5.87
N PRO A 108 -1.79 -10.37 -7.02
CA PRO A 108 -2.03 -9.66 -8.30
C PRO A 108 -3.30 -8.80 -8.24
N SER A 109 -3.25 -7.64 -8.86
CA SER A 109 -4.33 -6.68 -8.75
C SER A 109 -5.71 -7.21 -9.19
N GLU A 110 -5.75 -8.07 -10.22
CA GLU A 110 -7.01 -8.64 -10.70
C GLU A 110 -7.65 -9.55 -9.65
N THR A 111 -6.81 -10.23 -8.88
CA THR A 111 -7.29 -11.04 -7.76
C THR A 111 -7.79 -10.15 -6.59
N ILE A 112 -7.13 -9.02 -6.38
CA ILE A 112 -7.58 -8.06 -5.36
C ILE A 112 -8.95 -7.53 -5.75
N THR A 113 -9.11 -7.19 -7.04
CA THR A 113 -10.41 -6.75 -7.56
C THR A 113 -11.48 -7.82 -7.33
N GLU A 114 -11.11 -9.07 -7.60
CA GLU A 114 -11.98 -10.20 -7.33
C GLU A 114 -12.39 -10.27 -5.86
N ILE A 115 -11.42 -10.08 -4.94
CA ILE A 115 -11.71 -10.08 -3.50
C ILE A 115 -12.66 -8.92 -3.11
N LEU A 116 -12.42 -7.75 -3.70
CA LEU A 116 -13.31 -6.60 -3.49
C LEU A 116 -14.75 -6.90 -3.91
N GLY A 117 -14.91 -7.60 -5.03
CA GLY A 117 -16.23 -8.09 -5.48
C GLY A 117 -16.96 -9.01 -4.48
N VAL A 118 -16.20 -9.78 -3.71
CA VAL A 118 -16.78 -10.61 -2.62
C VAL A 118 -17.15 -9.72 -1.43
N ILE A 119 -16.27 -8.77 -1.10
CA ILE A 119 -16.40 -7.97 0.11
C ILE A 119 -17.38 -6.79 -0.06
N ALA A 120 -17.35 -6.12 -1.21
CA ALA A 120 -18.18 -4.92 -1.43
C ALA A 120 -19.68 -5.08 -1.10
N PRO A 121 -20.31 -6.19 -1.54
CA PRO A 121 -21.70 -6.43 -1.16
C PRO A 121 -21.96 -6.50 0.35
N LEU A 122 -20.92 -6.69 1.15
CA LEU A 122 -21.07 -6.74 2.61
C LEU A 122 -21.34 -5.37 3.24
N ALA A 123 -21.11 -4.29 2.48
CA ALA A 123 -21.43 -2.94 2.96
C ALA A 123 -22.85 -2.80 3.51
N VAL A 124 -23.79 -3.62 3.01
CA VAL A 124 -25.17 -3.59 3.50
C VAL A 124 -25.27 -3.94 4.97
N ASP A 125 -24.56 -4.99 5.39
CA ASP A 125 -24.55 -5.45 6.78
C ASP A 125 -23.66 -4.59 7.68
N VAL A 126 -22.68 -3.93 7.08
CA VAL A 126 -21.70 -3.17 7.86
C VAL A 126 -22.15 -1.75 8.16
N THR A 127 -22.72 -1.06 7.18
CA THR A 127 -22.88 0.40 7.25
C THR A 127 -24.23 0.88 7.77
N SER A 128 -24.34 2.19 7.98
CA SER A 128 -25.60 2.83 8.33
C SER A 128 -25.84 4.13 7.55
N GLY A 129 -24.80 4.96 7.40
CA GLY A 129 -24.91 6.26 6.73
C GLY A 129 -26.09 6.42 5.76
N GLY B 2 15.93 -11.50 -9.01
CA GLY B 2 16.86 -10.60 -9.66
C GLY B 2 16.56 -10.47 -11.13
N LEU B 3 17.24 -9.52 -11.82
CA LEU B 3 16.99 -9.29 -13.23
C LEU B 3 17.29 -10.52 -14.06
N LEU B 4 18.31 -11.28 -13.65
CA LEU B 4 18.71 -12.47 -14.41
C LEU B 4 17.54 -13.45 -14.48
N SER B 5 16.90 -13.72 -13.35
CA SER B 5 15.72 -14.59 -13.34
C SER B 5 14.55 -13.99 -14.10
N ARG B 6 14.32 -12.70 -13.94
CA ARG B 6 13.21 -12.02 -14.58
C ARG B 6 13.29 -12.14 -16.09
N LEU B 7 14.49 -11.92 -16.65
CA LEU B 7 14.71 -12.03 -18.09
C LEU B 7 14.53 -13.46 -18.62
N ARG B 8 14.95 -14.46 -17.84
CA ARG B 8 14.75 -15.85 -18.27
C ARG B 8 13.27 -16.20 -18.31
N LYS B 9 12.49 -15.54 -17.46
CA LYS B 9 11.03 -15.74 -17.41
C LYS B 9 10.31 -14.86 -18.45
N ARG B 10 11.07 -14.11 -19.23
CA ARG B 10 10.51 -13.15 -20.19
C ARG B 10 9.71 -12.02 -19.53
N GLU B 11 10.19 -11.53 -18.39
CA GLU B 11 9.66 -10.28 -17.83
C GLU B 11 10.45 -9.09 -18.39
N PRO B 12 9.80 -7.94 -18.62
CA PRO B 12 10.52 -6.83 -19.26
C PRO B 12 11.45 -6.06 -18.31
N ILE B 13 12.41 -5.37 -18.90
CA ILE B 13 13.28 -4.45 -18.18
C ILE B 13 12.44 -3.23 -17.80
N SER B 14 12.55 -2.80 -16.54
CA SER B 14 11.79 -1.64 -16.06
C SER B 14 12.69 -0.41 -15.95
N ILE B 15 12.10 0.74 -15.61
CA ILE B 15 12.88 1.95 -15.28
C ILE B 15 13.81 1.67 -14.09
N TYR B 16 13.28 0.95 -13.08
CA TYR B 16 14.04 0.44 -11.95
C TYR B 16 15.34 -0.22 -12.40
N ASP B 17 15.24 -1.13 -13.37
CA ASP B 17 16.42 -1.78 -13.95
C ASP B 17 17.34 -0.78 -14.65
N LYS B 18 16.75 0.16 -15.39
CA LYS B 18 17.52 1.12 -16.19
C LYS B 18 18.44 1.99 -15.33
N ILE B 19 18.00 2.31 -14.11
CA ILE B 19 18.76 3.21 -13.23
C ILE B 19 19.73 2.49 -12.28
N GLY B 20 19.63 1.16 -12.24
CA GLY B 20 20.57 0.33 -11.52
C GLY B 20 19.96 -0.40 -10.34
N GLY B 21 18.63 -0.49 -10.33
CA GLY B 21 17.89 -1.30 -9.36
C GLY B 21 17.93 -0.78 -7.93
N HIS B 22 17.74 -1.70 -6.98
CA HIS B 22 17.62 -1.36 -5.54
C HIS B 22 18.79 -0.55 -4.99
N GLU B 23 20.00 -0.96 -5.35
CA GLU B 23 21.22 -0.28 -4.91
C GLU B 23 21.25 1.18 -5.37
N ALA B 24 20.86 1.44 -6.61
CA ALA B 24 20.80 2.81 -7.12
C ALA B 24 19.73 3.64 -6.41
N ILE B 25 18.57 3.05 -6.17
CA ILE B 25 17.48 3.77 -5.49
C ILE B 25 17.88 4.17 -4.06
N GLU B 26 18.51 3.25 -3.33
N GLU B 26 18.55 3.28 -3.33
CA GLU B 26 19.12 3.50 -2.00
CA GLU B 26 19.01 3.56 -1.97
C GLU B 26 19.83 4.85 -2.03
C GLU B 26 20.02 4.72 -1.88
N VAL B 27 20.81 4.93 -2.93
CA VAL B 27 21.76 6.06 -3.00
C VAL B 27 21.04 7.36 -3.35
N VAL B 28 20.14 7.28 -4.32
CA VAL B 28 19.38 8.44 -4.78
C VAL B 28 18.51 8.94 -3.63
N VAL B 29 17.84 8.03 -2.95
CA VAL B 29 16.95 8.37 -1.84
C VAL B 29 17.71 9.05 -0.69
N GLU B 30 18.90 8.54 -0.35
CA GLU B 30 19.73 9.18 0.69
C GLU B 30 20.07 10.60 0.28
N ASP B 31 20.46 10.79 -0.97
CA ASP B 31 20.82 12.13 -1.43
C ASP B 31 19.61 13.05 -1.56
N PHE B 32 18.49 12.51 -2.03
CA PHE B 32 17.19 13.17 -2.09
C PHE B 32 16.90 13.86 -0.74
N TYR B 33 16.98 13.12 0.35
CA TYR B 33 16.62 13.67 1.64
C TYR B 33 17.65 14.64 2.19
N VAL B 34 18.91 14.49 1.81
CA VAL B 34 19.90 15.56 2.11
C VAL B 34 19.36 16.88 1.56
N ARG B 35 18.94 16.85 0.29
CA ARG B 35 18.46 18.03 -0.44
C ARG B 35 17.18 18.58 0.17
N VAL B 36 16.28 17.66 0.54
CA VAL B 36 14.99 18.06 1.08
C VAL B 36 15.15 18.72 2.45
N LEU B 37 15.92 18.10 3.32
CA LEU B 37 16.09 18.63 4.68
C LEU B 37 16.89 19.94 4.74
N ALA B 38 17.72 20.21 3.72
CA ALA B 38 18.46 21.47 3.63
C ALA B 38 17.60 22.62 3.09
N ASP B 39 16.44 22.29 2.54
CA ASP B 39 15.57 23.30 1.95
C ASP B 39 14.67 23.90 3.04
N ASP B 40 14.91 25.16 3.38
CA ASP B 40 14.13 25.86 4.43
C ASP B 40 12.61 25.81 4.24
N GLN B 41 12.18 25.67 2.99
CA GLN B 41 10.75 25.65 2.63
C GLN B 41 10.14 24.30 2.94
N LEU B 42 10.98 23.29 3.20
CA LEU B 42 10.49 21.92 3.33
C LEU B 42 10.74 21.28 4.69
N SER B 43 11.88 21.62 5.30
CA SER B 43 12.38 20.89 6.48
C SER B 43 11.41 20.74 7.65
N ALA B 44 10.65 21.80 7.94
CA ALA B 44 9.71 21.78 9.06
C ALA B 44 8.69 20.65 8.99
N PHE B 45 8.34 20.25 7.77
CA PHE B 45 7.38 19.17 7.55
C PHE B 45 7.91 17.86 8.13
N PHE B 46 9.23 17.73 8.22
CA PHE B 46 9.87 16.50 8.71
C PHE B 46 10.40 16.56 10.16
N SER B 47 10.03 17.61 10.90
CA SER B 47 10.43 17.72 12.31
C SER B 47 9.74 16.66 13.11
N GLY B 48 10.52 15.83 13.80
CA GLY B 48 9.95 14.70 14.52
C GLY B 48 9.72 13.45 13.68
N THR B 49 10.04 13.52 12.39
CA THR B 49 9.99 12.33 11.53
C THR B 49 11.18 11.44 11.86
N ASN B 50 10.93 10.12 11.94
CA ASN B 50 12.00 9.12 11.97
C ASN B 50 12.51 8.95 10.55
N MET B 51 13.61 9.63 10.23
CA MET B 51 14.11 9.67 8.87
C MET B 51 14.57 8.31 8.38
N SER B 52 15.16 7.51 9.27
CA SER B 52 15.59 6.15 8.89
C SER B 52 14.41 5.35 8.34
N ARG B 53 13.30 5.38 9.07
CA ARG B 53 12.08 4.68 8.66
C ARG B 53 11.49 5.27 7.38
N LEU B 54 11.41 6.60 7.31
CA LEU B 54 10.88 7.24 6.12
C LEU B 54 11.65 6.82 4.87
N LYS B 55 12.98 6.87 4.94
CA LYS B 55 13.82 6.52 3.78
C LYS B 55 13.60 5.09 3.32
N GLY B 56 13.42 4.18 4.26
CA GLY B 56 13.12 2.79 3.91
C GLY B 56 11.83 2.68 3.11
N LYS B 57 10.79 3.35 3.57
CA LYS B 57 9.51 3.41 2.84
C LYS B 57 9.62 4.12 1.49
N ALA B 58 10.44 5.18 1.43
CA ALA B 58 10.64 5.91 0.17
C ALA B 58 11.34 5.04 -0.89
N VAL B 59 12.36 4.29 -0.47
CA VAL B 59 13.05 3.31 -1.34
C VAL B 59 12.04 2.28 -1.89
N GLU B 60 11.20 1.73 -1.01
CA GLU B 60 10.14 0.81 -1.45
C GLU B 60 9.22 1.45 -2.47
N PHE B 61 8.82 2.70 -2.19
CA PHE B 61 7.87 3.37 -3.05
C PHE B 61 8.40 3.61 -4.45
N PHE B 62 9.59 4.23 -4.53
CA PHE B 62 10.20 4.55 -5.82
C PHE B 62 10.58 3.30 -6.61
N ALA B 63 11.12 2.30 -5.92
CA ALA B 63 11.41 1.01 -6.58
C ALA B 63 10.17 0.44 -7.28
N ALA B 64 9.06 0.33 -6.54
CA ALA B 64 7.82 -0.24 -7.07
C ALA B 64 7.15 0.62 -8.14
N ALA B 65 7.16 1.94 -7.95
CA ALA B 65 6.54 2.86 -8.92
C ALA B 65 7.30 2.84 -10.25
N LEU B 66 8.58 2.53 -10.19
CA LEU B 66 9.43 2.49 -11.38
C LEU B 66 9.54 1.07 -11.96
N GLY B 67 8.64 0.18 -11.52
CA GLY B 67 8.46 -1.12 -12.14
C GLY B 67 9.28 -2.24 -11.53
N GLY B 68 9.80 -2.00 -10.34
CA GLY B 68 10.62 -2.99 -9.63
C GLY B 68 9.81 -4.18 -9.15
N PRO B 69 10.50 -5.27 -8.76
CA PRO B 69 9.85 -6.55 -8.44
C PRO B 69 9.14 -6.65 -7.09
N GLU B 70 9.48 -5.79 -6.12
CA GLU B 70 8.89 -5.88 -4.78
C GLU B 70 7.74 -4.88 -4.56
N PRO B 71 6.65 -5.33 -3.90
CA PRO B 71 5.54 -4.38 -3.72
C PRO B 71 5.91 -3.26 -2.75
N TYR B 72 5.28 -2.11 -2.91
CA TYR B 72 5.31 -1.06 -1.91
C TYR B 72 4.48 -1.50 -0.71
N THR B 73 5.05 -1.42 0.48
CA THR B 73 4.34 -1.90 1.66
C THR B 73 3.92 -0.78 2.61
N GLY B 74 4.20 0.48 2.24
CA GLY B 74 3.92 1.59 3.17
C GLY B 74 2.50 2.09 3.02
N ALA B 75 2.27 3.30 3.52
CA ALA B 75 0.95 3.92 3.40
C ALA B 75 0.81 4.60 2.05
N PRO B 76 -0.42 4.66 1.51
CA PRO B 76 -0.66 5.28 0.20
C PRO B 76 -0.41 6.78 0.24
N MET B 77 -0.11 7.38 -0.91
CA MET B 77 0.35 8.76 -0.97
C MET B 77 -0.70 9.75 -0.51
N LYS B 78 -1.96 9.52 -0.89
CA LYS B 78 -3.00 10.47 -0.56
C LYS B 78 -3.17 10.53 0.95
N GLN B 79 -3.31 9.36 1.56
CA GLN B 79 -3.54 9.30 2.99
C GLN B 79 -2.42 9.89 3.84
N VAL B 80 -1.18 9.54 3.53
CA VAL B 80 -0.05 9.93 4.37
C VAL B 80 0.20 11.45 4.32
N HIS B 81 -0.10 12.08 3.17
CA HIS B 81 0.13 13.51 3.03
C HIS B 81 -1.08 14.37 3.38
N GLN B 82 -2.24 13.73 3.59
CA GLN B 82 -3.46 14.46 3.92
C GLN B 82 -3.35 15.20 5.25
N GLY B 83 -3.97 16.37 5.32
CA GLY B 83 -3.97 17.19 6.53
C GLY B 83 -2.68 17.93 6.82
N ARG B 84 -1.79 18.01 5.83
CA ARG B 84 -0.51 18.70 6.00
C ARG B 84 -0.42 20.00 5.22
N GLY B 85 -1.45 20.29 4.43
CA GLY B 85 -1.52 21.53 3.67
C GLY B 85 -0.43 21.71 2.63
N ILE B 86 0.08 20.59 2.10
CA ILE B 86 1.20 20.61 1.15
C ILE B 86 0.73 21.26 -0.14
N THR B 87 1.48 22.24 -0.64
CA THR B 87 1.06 22.94 -1.83
C THR B 87 1.76 22.43 -3.10
N MET B 88 1.25 22.84 -4.27
CA MET B 88 1.90 22.55 -5.53
C MET B 88 3.33 23.13 -5.60
N HIS B 89 3.56 24.23 -4.88
CA HIS B 89 4.94 24.75 -4.74
C HIS B 89 5.85 23.76 -4.00
N HIS B 90 5.39 23.25 -2.85
CA HIS B 90 6.17 22.25 -2.10
C HIS B 90 6.48 21.04 -2.97
N PHE B 91 5.45 20.54 -3.65
CA PHE B 91 5.58 19.33 -4.47
C PHE B 91 6.61 19.53 -5.56
N SER B 92 6.56 20.71 -6.19
CA SER B 92 7.49 21.06 -7.26
C SER B 92 8.91 21.06 -6.72
N LEU B 93 9.09 21.62 -5.53
CA LEU B 93 10.41 21.63 -4.87
C LEU B 93 10.94 20.24 -4.63
N VAL B 94 10.08 19.36 -4.10
CA VAL B 94 10.45 17.98 -3.85
C VAL B 94 10.81 17.22 -5.14
N ALA B 95 10.00 17.41 -6.17
CA ALA B 95 10.25 16.81 -7.49
C ALA B 95 11.59 17.28 -8.05
N GLY B 96 11.89 18.57 -7.93
CA GLY B 96 13.17 19.14 -8.33
C GLY B 96 14.31 18.45 -7.58
N HIS B 97 14.17 18.35 -6.26
CA HIS B 97 15.20 17.67 -5.45
C HIS B 97 15.40 16.22 -5.86
N LEU B 98 14.31 15.52 -6.17
CA LEU B 98 14.44 14.13 -6.64
C LEU B 98 15.21 14.08 -7.97
N ALA B 99 14.89 15.01 -8.88
CA ALA B 99 15.57 15.06 -10.18
C ALA B 99 17.07 15.39 -10.05
N ASP B 100 17.39 16.26 -9.10
CA ASP B 100 18.77 16.67 -8.89
C ASP B 100 19.56 15.52 -8.31
N ALA B 101 18.91 14.72 -7.44
CA ALA B 101 19.55 13.53 -6.89
C ALA B 101 19.82 12.52 -7.98
N LEU B 102 18.85 12.35 -8.89
CA LEU B 102 19.02 11.45 -10.03
C LEU B 102 20.12 11.97 -10.96
N THR B 103 20.15 13.29 -11.16
CA THR B 103 21.22 13.92 -11.94
C THR B 103 22.57 13.63 -11.31
N ALA B 104 22.67 13.82 -10.00
CA ALA B 104 23.93 13.64 -9.27
C ALA B 104 24.40 12.20 -9.34
N ALA B 105 23.44 11.26 -9.35
CA ALA B 105 23.73 9.83 -9.49
C ALA B 105 24.12 9.41 -10.93
N GLY B 106 24.02 10.33 -11.88
CA GLY B 106 24.43 10.06 -13.26
C GLY B 106 23.36 9.42 -14.13
N VAL B 107 22.10 9.59 -13.77
CA VAL B 107 21.01 9.04 -14.56
C VAL B 107 20.82 9.96 -15.78
N PRO B 108 20.75 9.38 -17.00
CA PRO B 108 20.61 10.21 -18.21
C PRO B 108 19.38 11.13 -18.16
N SER B 109 19.50 12.33 -18.73
CA SER B 109 18.43 13.34 -18.76
C SER B 109 17.06 12.77 -19.16
N GLU B 110 17.06 11.98 -20.24
CA GLU B 110 15.87 11.36 -20.79
C GLU B 110 15.21 10.38 -19.81
N THR B 111 16.02 9.67 -19.04
CA THR B 111 15.48 8.73 -18.06
C THR B 111 14.94 9.48 -16.83
N ILE B 112 15.60 10.57 -16.45
CA ILE B 112 15.05 11.45 -15.40
C ILE B 112 13.69 12.03 -15.83
N THR B 113 13.59 12.46 -17.08
CA THR B 113 12.31 12.95 -17.61
C THR B 113 11.23 11.84 -17.54
N GLU B 114 11.62 10.61 -17.86
CA GLU B 114 10.71 9.47 -17.81
C GLU B 114 10.25 9.21 -16.38
N ILE B 115 11.18 9.29 -15.43
CA ILE B 115 10.84 9.18 -14.00
C ILE B 115 9.88 10.29 -13.54
N LEU B 116 10.15 11.53 -13.98
CA LEU B 116 9.28 12.66 -13.67
C LEU B 116 7.85 12.45 -14.18
N GLY B 117 7.72 11.82 -15.35
CA GLY B 117 6.43 11.36 -15.86
C GLY B 117 5.66 10.42 -14.94
N VAL B 118 6.37 9.57 -14.21
CA VAL B 118 5.74 8.70 -13.20
C VAL B 118 5.36 9.51 -11.95
N ILE B 119 6.24 10.43 -11.56
CA ILE B 119 6.12 11.18 -10.30
C ILE B 119 5.12 12.38 -10.33
N ALA B 120 5.11 13.15 -11.42
CA ALA B 120 4.24 14.33 -11.50
C ALA B 120 2.76 14.03 -11.22
N PRO B 121 2.20 12.95 -11.80
CA PRO B 121 0.79 12.62 -11.48
C PRO B 121 0.49 12.44 -10.00
N LEU B 122 1.51 12.12 -9.20
CA LEU B 122 1.36 11.96 -7.74
C LEU B 122 0.96 13.25 -7.02
N ALA B 123 1.11 14.39 -7.70
CA ALA B 123 0.75 15.69 -7.13
C ALA B 123 -0.68 15.76 -6.65
N VAL B 124 -1.60 15.08 -7.32
CA VAL B 124 -3.01 15.06 -6.91
C VAL B 124 -3.20 14.35 -5.56
N ASP B 125 -2.40 13.31 -5.32
CA ASP B 125 -2.48 12.59 -4.05
C ASP B 125 -1.82 13.36 -2.92
N VAL B 126 -0.68 13.99 -3.23
CA VAL B 126 0.20 14.55 -2.24
C VAL B 126 -0.27 15.93 -1.79
N THR B 127 -0.66 16.78 -2.73
CA THR B 127 -0.96 18.15 -2.37
C THR B 127 -2.41 18.38 -1.89
N SER B 128 -2.55 19.38 -1.02
CA SER B 128 -3.86 19.82 -0.57
C SER B 128 -4.17 21.20 -1.12
N GLY B 129 -3.13 21.97 -1.43
CA GLY B 129 -3.29 23.36 -1.91
C GLY B 129 -2.65 23.61 -3.26
N GLU B 130 -3.32 24.43 -4.07
CA GLU B 130 -2.91 24.68 -5.45
C GLU B 130 -1.81 25.74 -5.65
N SER B 131 -1.51 26.53 -4.61
CA SER B 131 -0.54 27.63 -4.72
C SER B 131 0.84 27.15 -5.21
N THR B 132 1.48 27.91 -6.10
CA THR B 132 2.82 27.62 -6.60
C THR B 132 3.67 28.76 -6.08
N THR B 133 2.98 29.52 -5.23
CA THR B 133 3.34 30.78 -4.55
C THR B 133 2.95 31.96 -5.43
NA NA C . -23.54 -3.81 17.13
P PO4 D . -14.94 -16.27 21.50
O1 PO4 D . -15.98 -15.35 20.87
O2 PO4 D . -14.73 -17.46 20.60
O3 PO4 D . -13.65 -15.51 21.68
O4 PO4 D . -15.41 -16.75 22.85
C CYN E . -13.40 -5.17 11.46
N CYN E . -12.31 -4.86 11.21
CHA HEM F . -15.89 -6.67 14.20
CHB HEM F . -15.37 -8.17 9.62
CHC HEM F . -15.92 -3.62 8.04
CHD HEM F . -15.58 -2.05 12.64
C1A HEM F . -15.70 -7.47 13.10
C2A HEM F . -15.51 -8.90 13.12
C3A HEM F . -15.37 -9.32 11.86
C4A HEM F . -15.46 -8.17 11.00
CMA HEM F . -15.13 -10.78 11.38
CAA HEM F . -15.49 -9.73 14.42
CBA HEM F . -16.94 -10.09 14.75
CGA HEM F . -16.97 -10.78 16.09
O1A HEM F . -17.45 -11.95 16.16
O2A HEM F . -16.53 -10.18 17.09
C1B HEM F . -15.51 -7.07 8.80
C2B HEM F . -15.49 -7.11 7.37
C3B HEM F . -15.63 -5.85 6.92
C4B HEM F . -15.75 -4.98 8.06
CMB HEM F . -15.34 -8.38 6.49
CAB HEM F . -15.70 -5.44 5.44
CBB HEM F . -14.88 -4.51 4.93
C1C HEM F . -15.83 -2.80 9.16
C2C HEM F . -15.80 -1.36 9.12
C3C HEM F . -15.70 -0.92 10.39
C4C HEM F . -15.65 -2.08 11.27
CMC HEM F . -15.90 -0.57 7.80
CAC HEM F . -15.65 0.55 10.88
CBC HEM F . -14.84 1.44 10.29
C1D HEM F . -15.61 -3.13 13.51
C2D HEM F . -15.45 -3.08 14.93
C3D HEM F . -15.54 -4.52 15.42
C4D HEM F . -15.74 -5.30 14.23
CMD HEM F . -15.24 -1.80 15.78
CAD HEM F . -15.41 -5.08 16.84
CBD HEM F . -16.60 -4.85 17.74
CGD HEM F . -16.08 -5.32 19.07
O1D HEM F . -16.42 -6.46 19.44
O2D HEM F . -15.32 -4.58 19.73
NA HEM F . -15.67 -7.06 11.78
NB HEM F . -15.68 -5.75 9.21
NC HEM F . -15.73 -3.22 10.46
ND HEM F . -15.78 -4.47 13.14
FE HEM F . -15.68 -5.14 11.13
P PO4 G . 16.73 -6.98 -8.00
O1 PO4 G . 16.81 -6.21 -9.29
O2 PO4 G . 17.98 -7.81 -7.84
O3 PO4 G . 16.59 -6.02 -6.84
O4 PO4 G . 15.54 -7.92 -8.00
C CYN H . 8.21 12.52 1.49
N CYN H . 9.29 12.20 1.65
CHA HEM I . 5.43 10.53 4.07
CHB HEM I . 6.61 9.66 -0.53
CHC HEM I . 5.94 14.40 -1.53
CHD HEM I . 6.28 15.30 3.20
C1A HEM I . 5.81 9.85 2.94
C2A HEM I . 6.09 8.43 2.82
C3A HEM I . 6.42 8.20 1.54
C4A HEM I . 6.34 9.45 0.81
CMA HEM I . 6.81 6.85 0.90
CAA HEM I . 6.02 7.42 4.00
CBA HEM I . 4.67 6.72 4.02
CGA HEM I . 4.63 5.74 5.16
O1A HEM I . 4.19 4.57 4.96
O2A HEM I . 5.04 6.10 6.29
C1B HEM I . 6.46 10.86 -1.20
C2B HEM I . 6.53 11.04 -2.64
C3B HEM I . 6.36 12.33 -2.91
C4B HEM I . 6.16 13.04 -1.67
CMB HEM I . 6.78 9.92 -3.67
CAB HEM I . 6.31 12.97 -4.32
CBB HEM I . 7.43 13.22 -5.00
C1C HEM I . 6.00 15.09 -0.34
C2C HEM I . 5.98 16.54 -0.18
C3C HEM I . 6.08 16.79 1.15
C4C HEM I . 6.16 15.51 1.84
CMC HEM I . 5.85 17.52 -1.35
CAC HEM I . 6.09 18.17 1.87
CBC HEM I . 7.06 19.06 1.66
C1D HEM I . 6.04 14.11 3.87
C2D HEM I . 5.90 13.98 5.30
C3D HEM I . 5.62 12.51 5.57
C4D HEM I . 5.64 11.87 4.27
CMD HEM I . 5.99 15.08 6.35
CAD HEM I . 5.42 11.85 6.94
CBD HEM I . 6.80 11.48 7.44
CGD HEM I . 6.59 10.90 8.82
O1D HEM I . 6.33 9.69 8.88
O2D HEM I . 6.70 11.66 9.83
NA HEM I . 5.97 10.43 1.70
NB HEM I . 6.23 12.11 -0.64
NC HEM I . 6.14 14.50 0.90
ND HEM I . 5.86 12.84 3.30
FE HEM I . 6.09 12.48 1.33
#